data_1GP6
#
_entry.id   1GP6
#
_cell.length_a   61.258
_cell.length_b   72.385
_cell.length_c   87.054
_cell.angle_alpha   90.00
_cell.angle_beta   90.00
_cell.angle_gamma   90.00
#
_symmetry.space_group_name_H-M   'P 21 21 21'
#
loop_
_entity.id
_entity.type
_entity.pdbx_description
1 polymer 'LEUCOANTHOCYANIDIN DIOXYGENASE'
2 non-polymer 'SUCCINIC ACID'
3 non-polymer '2-(N-MORPHOLINO)-ETHANESULFONIC ACID'
4 non-polymer "3,5,7,3',4'-PENTAHYDROXYFLAVONE"
5 non-polymer (2S,3S)-2-(3,4-DIHYDROXYPHENYL)-3,5,7-TRIHYDROXY-2,3-DIHYDRO-4H-CHROMEN-4-ONE
6 non-polymer 'FE (II) ION'
7 water water
#
_entity_poly.entity_id   1
_entity_poly.type   'polypeptide(L)'
_entity_poly.pdbx_seq_one_letter_code
;MVAVERVESLAKSGIISIPKEYIRPKEELESINDVFLEEKKEDGPQVPTIDLKNIESDDEKIRENCIEELKKASLDWGVM
HLINHGIPADLMERVKKAGEEFFSLSVEEKEKYANDQATGKIQGYGSKLANNASGQLEWEDYFFHLAYPEEKRDLSIWPK
TPSDYIEATSEYAKCLRLLATKVFKALSVGLGLEPDRLEKEVGGLEELLLQMKINYYPKCPQPELALGVEAHTDVSALTF
ILHNMVPGLQLFYEGKWVTAKCVPDSIVMHIGDTLEILSNGKYKSILHRGLVNKEKVRISWAVFCEPPKDKIVLKPLPEM
VSVESPAKFPPRTFAQHIEHKLFGKEQEELVSEKND
;
_entity_poly.pdbx_strand_id   A
#
# COMPACT_ATOMS: atom_id res chain seq x y z
N VAL A 2 17.36 -13.47 20.47
CA VAL A 2 17.32 -13.07 19.06
C VAL A 2 18.00 -11.71 18.87
N ALA A 3 18.49 -11.48 17.66
CA ALA A 3 19.13 -10.21 17.35
C ALA A 3 18.06 -9.33 16.73
N VAL A 4 18.16 -8.02 16.93
CA VAL A 4 17.19 -7.09 16.32
C VAL A 4 18.02 -6.35 15.27
N GLU A 5 17.80 -6.66 14.00
CA GLU A 5 18.56 -6.05 12.91
C GLU A 5 17.70 -5.10 12.08
N ARG A 6 18.08 -3.84 12.02
CA ARG A 6 17.32 -2.86 11.22
C ARG A 6 18.11 -2.67 9.93
N VAL A 7 17.41 -2.48 8.81
CA VAL A 7 18.09 -2.29 7.55
C VAL A 7 18.84 -0.97 7.54
N GLU A 8 18.34 0.03 8.26
CA GLU A 8 19.06 1.30 8.30
C GLU A 8 20.44 1.09 8.96
N SER A 9 20.49 0.26 9.99
CA SER A 9 21.73 -0.05 10.69
C SER A 9 22.68 -0.74 9.73
N LEU A 10 22.16 -1.74 9.03
CA LEU A 10 22.95 -2.49 8.08
C LEU A 10 23.49 -1.59 6.97
N ALA A 11 22.66 -0.67 6.49
CA ALA A 11 23.04 0.25 5.40
C ALA A 11 24.17 1.17 5.81
N LYS A 12 24.25 1.43 7.12
CA LYS A 12 25.26 2.33 7.65
C LYS A 12 26.44 1.62 8.31
N SER A 13 26.42 0.29 8.34
CA SER A 13 27.48 -0.50 8.99
C SER A 13 28.84 -0.62 8.31
N GLY A 14 28.94 -0.14 7.08
CA GLY A 14 30.19 -0.22 6.36
C GLY A 14 30.33 -1.44 5.44
N ILE A 15 29.21 -2.14 5.19
CA ILE A 15 29.28 -3.30 4.32
C ILE A 15 29.55 -2.88 2.88
N ILE A 16 30.16 -3.78 2.13
CA ILE A 16 30.47 -3.52 0.71
C ILE A 16 29.37 -4.20 -0.12
N SER A 17 29.02 -5.42 0.28
CA SER A 17 28.02 -6.22 -0.40
C SER A 17 26.86 -6.42 0.55
N ILE A 18 25.69 -6.74 0.02
CA ILE A 18 24.57 -6.97 0.93
C ILE A 18 24.57 -8.42 1.41
N PRO A 19 24.03 -8.67 2.62
CA PRO A 19 23.99 -10.04 3.15
C PRO A 19 23.20 -10.92 2.18
N LYS A 20 23.48 -12.21 2.22
CA LYS A 20 22.79 -13.14 1.32
C LYS A 20 21.26 -13.17 1.46
N GLU A 21 20.75 -12.96 2.67
CA GLU A 21 19.32 -13.00 2.93
C GLU A 21 18.57 -11.95 2.13
N TYR A 22 19.28 -10.94 1.66
CA TYR A 22 18.66 -9.85 0.89
C TYR A 22 18.76 -10.00 -0.63
N ILE A 23 19.54 -10.97 -1.07
CA ILE A 23 19.70 -11.19 -2.50
C ILE A 23 18.52 -12.01 -2.99
N ARG A 24 17.89 -11.57 -4.07
CA ARG A 24 16.71 -12.26 -4.60
C ARG A 24 17.18 -13.53 -5.32
N PRO A 25 16.25 -14.49 -5.50
CA PRO A 25 16.53 -15.75 -6.19
C PRO A 25 17.03 -15.43 -7.61
N LYS A 26 17.84 -16.32 -8.17
CA LYS A 26 18.41 -16.11 -9.51
C LYS A 26 17.37 -15.72 -10.55
N GLU A 27 16.22 -16.39 -10.54
CA GLU A 27 15.18 -16.12 -11.52
C GLU A 27 14.61 -14.71 -11.41
N GLU A 28 14.55 -14.19 -10.19
CA GLU A 28 14.00 -12.85 -9.99
C GLU A 28 14.98 -11.73 -10.35
N LEU A 29 16.27 -11.98 -10.18
CA LEU A 29 17.27 -10.97 -10.46
C LEU A 29 17.21 -10.43 -11.89
N GLU A 30 16.80 -11.27 -12.84
CA GLU A 30 16.75 -10.83 -14.21
C GLU A 30 15.83 -9.65 -14.50
N SER A 31 14.74 -9.53 -13.74
CA SER A 31 13.79 -8.45 -13.95
C SER A 31 14.13 -7.17 -13.20
N ILE A 32 15.18 -7.19 -12.38
CA ILE A 32 15.55 -6.01 -11.57
C ILE A 32 16.60 -5.15 -12.27
N ASN A 33 16.23 -3.91 -12.58
CA ASN A 33 17.13 -2.97 -13.23
C ASN A 33 17.25 -1.67 -12.43
N ASP A 34 18.04 -0.71 -12.95
CA ASP A 34 18.22 0.57 -12.26
C ASP A 34 16.93 1.34 -12.25
N VAL A 35 16.45 1.70 -11.06
CA VAL A 35 15.17 2.39 -10.97
C VAL A 35 15.17 3.73 -11.68
N PHE A 36 16.32 4.41 -11.70
CA PHE A 36 16.39 5.70 -12.34
C PHE A 36 16.35 5.56 -13.86
N LEU A 37 17.00 4.51 -14.38
CA LEU A 37 16.99 4.26 -15.83
C LEU A 37 15.57 3.82 -16.21
N GLU A 38 14.92 3.04 -15.36
CA GLU A 38 13.55 2.58 -15.61
C GLU A 38 12.54 3.73 -15.56
N GLU A 39 12.69 4.63 -14.59
CA GLU A 39 11.76 5.76 -14.47
C GLU A 39 11.79 6.70 -15.70
N LYS A 40 12.94 6.77 -16.35
CA LYS A 40 13.13 7.62 -17.53
C LYS A 40 12.46 7.04 -18.78
N LYS A 41 12.30 5.71 -18.82
CA LYS A 41 11.69 5.07 -19.98
C LYS A 41 10.23 5.44 -20.11
N GLU A 42 9.84 5.91 -21.29
CA GLU A 42 8.45 6.32 -21.52
C GLU A 42 7.71 5.47 -22.54
N ASP A 43 8.27 4.31 -22.84
CA ASP A 43 7.68 3.38 -23.79
C ASP A 43 6.89 2.31 -23.02
N GLY A 44 5.90 1.71 -23.69
CA GLY A 44 5.12 0.68 -23.03
C GLY A 44 3.97 1.29 -22.25
N PRO A 45 3.10 0.44 -21.69
CA PRO A 45 1.94 0.89 -20.92
C PRO A 45 2.41 1.69 -19.72
N GLN A 46 1.61 2.67 -19.32
CA GLN A 46 1.95 3.53 -18.22
C GLN A 46 0.82 3.58 -17.22
N VAL A 47 1.15 3.76 -15.95
CA VAL A 47 0.12 3.85 -14.92
C VAL A 47 -0.79 5.01 -15.25
N PRO A 48 -2.12 4.79 -15.16
CA PRO A 48 -3.03 5.89 -15.48
C PRO A 48 -3.14 6.99 -14.44
N THR A 49 -3.36 8.22 -14.91
CA THR A 49 -3.60 9.33 -14.00
C THR A 49 -5.12 9.51 -14.11
N ILE A 50 -5.80 9.53 -12.98
CA ILE A 50 -7.24 9.64 -12.92
C ILE A 50 -7.63 10.91 -12.17
N ASP A 51 -8.35 11.78 -12.87
CA ASP A 51 -8.76 13.07 -12.32
C ASP A 51 -10.08 12.94 -11.59
N LEU A 52 -10.10 13.21 -10.29
CA LEU A 52 -11.31 13.09 -9.50
C LEU A 52 -12.05 14.40 -9.28
N LYS A 53 -11.64 15.45 -9.98
CA LYS A 53 -12.28 16.75 -9.79
C LYS A 53 -13.81 16.72 -9.85
N ASN A 54 -14.37 15.99 -10.81
CA ASN A 54 -15.82 15.95 -10.99
C ASN A 54 -16.54 14.73 -10.42
N ILE A 55 -15.91 14.03 -9.48
CA ILE A 55 -16.52 12.83 -8.92
C ILE A 55 -17.87 13.05 -8.23
N GLU A 56 -18.10 14.26 -7.74
CA GLU A 56 -19.37 14.56 -7.07
C GLU A 56 -20.00 15.83 -7.60
N SER A 57 -19.79 16.07 -8.90
CA SER A 57 -20.32 17.23 -9.58
C SER A 57 -21.82 17.12 -9.80
N ASP A 58 -22.51 18.27 -9.72
CA ASP A 58 -23.95 18.35 -9.94
C ASP A 58 -24.24 18.09 -11.41
N ASP A 59 -23.24 18.37 -12.23
CA ASP A 59 -23.34 18.16 -13.68
C ASP A 59 -23.21 16.66 -13.96
N GLU A 60 -24.35 16.04 -14.27
CA GLU A 60 -24.40 14.61 -14.53
C GLU A 60 -23.45 14.02 -15.58
N LYS A 61 -23.41 14.58 -16.78
CA LYS A 61 -22.52 14.04 -17.82
C LYS A 61 -21.05 14.04 -17.37
N ILE A 62 -20.63 15.14 -16.78
CA ILE A 62 -19.26 15.29 -16.29
C ILE A 62 -18.99 14.34 -15.12
N ARG A 63 -19.95 14.18 -14.21
CA ARG A 63 -19.79 13.28 -13.07
C ARG A 63 -19.65 11.83 -13.60
N GLU A 64 -20.56 11.41 -14.48
CA GLU A 64 -20.53 10.09 -15.05
C GLU A 64 -19.23 9.82 -15.82
N ASN A 65 -18.70 10.85 -16.49
CA ASN A 65 -17.45 10.68 -17.22
C ASN A 65 -16.31 10.36 -16.24
N CYS A 66 -16.32 11.01 -15.09
CA CYS A 66 -15.29 10.80 -14.05
C CYS A 66 -15.41 9.37 -13.51
N ILE A 67 -16.62 8.98 -13.14
CA ILE A 67 -16.90 7.63 -12.66
C ILE A 67 -16.44 6.57 -13.67
N GLU A 68 -16.70 6.80 -14.95
CA GLU A 68 -16.31 5.86 -16.00
C GLU A 68 -14.79 5.75 -16.13
N GLU A 69 -14.09 6.88 -16.04
CA GLU A 69 -12.64 6.82 -16.14
C GLU A 69 -12.07 6.06 -14.94
N LEU A 70 -12.63 6.33 -13.76
CA LEU A 70 -12.16 5.65 -12.55
C LEU A 70 -12.43 4.14 -12.66
N LYS A 71 -13.64 3.81 -13.11
CA LYS A 71 -14.07 2.43 -13.30
C LYS A 71 -13.14 1.74 -14.25
N LYS A 72 -12.90 2.35 -15.40
CA LYS A 72 -12.03 1.76 -16.41
C LYS A 72 -10.61 1.48 -15.92
N ALA A 73 -10.01 2.44 -15.19
CA ALA A 73 -8.66 2.23 -14.66
C ALA A 73 -8.65 1.07 -13.63
N SER A 74 -9.73 0.98 -12.87
CA SER A 74 -9.86 -0.04 -11.83
C SER A 74 -10.06 -1.44 -12.38
N LEU A 75 -10.73 -1.57 -13.53
CA LEU A 75 -10.95 -2.90 -14.15
C LEU A 75 -9.71 -3.36 -14.90
N ASP A 76 -8.91 -2.40 -15.34
CA ASP A 76 -7.75 -2.70 -16.16
C ASP A 76 -6.47 -2.82 -15.34
N TRP A 77 -6.01 -1.69 -14.82
CA TRP A 77 -4.81 -1.63 -13.99
C TRP A 77 -5.05 -1.97 -12.51
N GLY A 78 -6.09 -1.37 -11.94
CA GLY A 78 -6.35 -1.56 -10.51
C GLY A 78 -5.44 -0.62 -9.70
N VAL A 79 -4.70 0.24 -10.39
CA VAL A 79 -3.80 1.19 -9.70
C VAL A 79 -3.74 2.47 -10.56
N MET A 80 -3.52 3.63 -9.94
CA MET A 80 -3.53 4.88 -10.69
C MET A 80 -3.03 6.02 -9.83
N HIS A 81 -2.69 7.12 -10.49
CA HIS A 81 -2.28 8.32 -9.80
C HIS A 81 -3.53 9.19 -9.75
N LEU A 82 -4.05 9.46 -8.56
CA LEU A 82 -5.22 10.31 -8.42
C LEU A 82 -4.81 11.80 -8.34
N ILE A 83 -5.49 12.66 -9.10
CA ILE A 83 -5.23 14.10 -9.03
C ILE A 83 -6.57 14.79 -8.71
N ASN A 84 -6.51 15.99 -8.14
CA ASN A 84 -7.72 16.71 -7.74
C ASN A 84 -8.57 15.83 -6.82
N HIS A 85 -7.88 15.17 -5.88
CA HIS A 85 -8.50 14.26 -4.91
C HIS A 85 -9.12 14.93 -3.68
N GLY A 86 -8.93 16.25 -3.56
CA GLY A 86 -9.51 16.94 -2.41
C GLY A 86 -8.69 17.00 -1.14
N ILE A 87 -7.53 16.33 -1.08
CA ILE A 87 -6.72 16.36 0.15
C ILE A 87 -5.79 17.57 0.00
N PRO A 88 -5.82 18.51 0.94
CA PRO A 88 -4.93 19.67 0.82
C PRO A 88 -3.48 19.31 0.64
N ALA A 89 -2.86 20.01 -0.31
CA ALA A 89 -1.46 19.79 -0.62
C ALA A 89 -0.55 20.10 0.55
N ASP A 90 -0.86 21.13 1.33
CA ASP A 90 0.01 21.47 2.44
C ASP A 90 -0.11 20.47 3.57
N LEU A 91 -1.30 19.87 3.76
CA LEU A 91 -1.43 18.86 4.81
C LEU A 91 -0.53 17.65 4.45
N MET A 92 -0.57 17.24 3.18
CA MET A 92 0.26 16.12 2.75
C MET A 92 1.75 16.43 2.93
N GLU A 93 2.16 17.67 2.66
CA GLU A 93 3.57 18.01 2.84
C GLU A 93 3.92 17.95 4.32
N ARG A 94 3.00 18.37 5.19
CA ARG A 94 3.27 18.33 6.61
C ARG A 94 3.41 16.88 7.10
N VAL A 95 2.55 16.01 6.59
CA VAL A 95 2.61 14.60 6.99
C VAL A 95 3.97 14.02 6.58
N LYS A 96 4.40 14.29 5.35
CA LYS A 96 5.66 13.75 4.87
C LYS A 96 6.85 14.32 5.63
N LYS A 97 6.81 15.62 5.91
CA LYS A 97 7.91 16.22 6.65
C LYS A 97 8.00 15.55 8.03
N ALA A 98 6.84 15.29 8.66
CA ALA A 98 6.87 14.70 9.99
C ALA A 98 7.43 13.30 9.95
N GLY A 99 7.14 12.56 8.88
CA GLY A 99 7.63 11.19 8.77
C GLY A 99 9.14 11.18 8.53
N GLU A 100 9.60 12.11 7.69
CA GLU A 100 11.00 12.26 7.41
C GLU A 100 11.77 12.57 8.69
N GLU A 101 11.19 13.46 9.51
CA GLU A 101 11.82 13.81 10.79
C GLU A 101 11.88 12.65 11.75
N PHE A 102 10.81 11.86 11.82
CA PHE A 102 10.86 10.72 12.72
C PHE A 102 11.95 9.76 12.25
N PHE A 103 11.98 9.47 10.95
CA PHE A 103 12.98 8.53 10.47
C PHE A 103 14.40 9.04 10.52
N SER A 104 14.56 10.36 10.69
CA SER A 104 15.91 10.92 10.80
C SER A 104 16.49 10.74 12.20
N LEU A 105 15.67 10.32 13.14
CA LEU A 105 16.15 10.07 14.49
C LEU A 105 17.08 8.85 14.38
N SER A 106 17.96 8.67 15.35
CA SER A 106 18.86 7.51 15.32
C SER A 106 18.05 6.24 15.49
N VAL A 107 18.58 5.13 15.01
CA VAL A 107 17.92 3.85 15.18
C VAL A 107 17.65 3.65 16.66
N GLU A 108 18.60 4.05 17.50
CA GLU A 108 18.40 3.89 18.94
C GLU A 108 17.17 4.61 19.46
N GLU A 109 16.91 5.83 18.97
CA GLU A 109 15.73 6.58 19.41
C GLU A 109 14.47 5.88 18.88
N LYS A 110 14.53 5.40 17.64
CA LYS A 110 13.36 4.73 17.06
C LYS A 110 13.03 3.39 17.75
N GLU A 111 14.04 2.72 18.31
CA GLU A 111 13.80 1.45 19.00
C GLU A 111 12.89 1.62 20.21
N LYS A 112 12.73 2.84 20.69
CA LYS A 112 11.86 3.05 21.81
C LYS A 112 10.41 2.80 21.39
N TYR A 113 10.19 2.76 20.06
CA TYR A 113 8.89 2.51 19.47
C TYR A 113 8.79 1.12 18.85
N ALA A 114 9.81 0.30 19.07
CA ALA A 114 9.82 -1.06 18.49
C ALA A 114 8.56 -1.89 18.72
N ASN A 115 8.15 -2.59 17.66
CA ASN A 115 7.01 -3.46 17.75
C ASN A 115 7.45 -4.74 18.44
N ASP A 116 6.51 -5.63 18.74
CA ASP A 116 6.83 -6.89 19.41
C ASP A 116 5.79 -7.92 19.00
N GLN A 117 6.06 -8.57 17.87
CA GLN A 117 5.11 -9.51 17.31
C GLN A 117 4.84 -10.71 18.20
N ALA A 118 5.85 -11.09 18.97
CA ALA A 118 5.69 -12.23 19.85
C ALA A 118 4.59 -12.01 20.89
N THR A 119 4.29 -10.76 21.23
CA THR A 119 3.22 -10.52 22.21
C THR A 119 2.01 -9.86 21.57
N GLY A 120 1.99 -9.89 20.24
CA GLY A 120 0.87 -9.31 19.50
C GLY A 120 0.95 -7.81 19.30
N LYS A 121 2.07 -7.18 19.64
CA LYS A 121 2.17 -5.71 19.48
C LYS A 121 2.68 -5.47 18.07
N ILE A 122 1.74 -5.44 17.13
CA ILE A 122 2.11 -5.28 15.73
C ILE A 122 2.33 -3.84 15.28
N GLN A 123 1.97 -2.90 16.14
CA GLN A 123 2.15 -1.49 15.84
C GLN A 123 3.50 -1.04 16.33
N GLY A 124 4.07 -0.07 15.60
CA GLY A 124 5.33 0.52 15.95
C GLY A 124 6.40 0.38 14.88
N TYR A 125 7.65 0.61 15.30
CA TYR A 125 8.84 0.54 14.46
C TYR A 125 9.25 -0.93 14.27
N GLY A 126 9.53 -1.31 13.02
CA GLY A 126 9.91 -2.67 12.76
C GLY A 126 10.59 -2.89 11.42
N SER A 127 10.93 -4.15 11.18
CA SER A 127 11.52 -4.58 9.91
C SER A 127 10.98 -6.00 9.79
N LYS A 128 10.69 -6.44 8.58
CA LYS A 128 10.07 -7.75 8.39
C LYS A 128 11.01 -8.89 8.77
N LEU A 129 10.54 -9.74 9.67
CA LEU A 129 11.32 -10.91 10.11
C LEU A 129 11.09 -11.99 9.06
N ALA A 130 12.12 -12.82 8.80
CA ALA A 130 11.98 -13.91 7.85
C ALA A 130 10.86 -14.82 8.37
N ASN A 131 9.95 -15.25 7.49
CA ASN A 131 8.85 -16.08 7.98
C ASN A 131 8.56 -17.33 7.15
N ASN A 132 9.58 -17.85 6.51
CA ASN A 132 9.41 -19.07 5.74
C ASN A 132 10.80 -19.60 5.52
N ALA A 133 10.89 -20.82 5.01
CA ALA A 133 12.15 -21.49 4.79
C ALA A 133 13.19 -20.74 3.97
N SER A 134 12.76 -19.85 3.08
CA SER A 134 13.70 -19.12 2.26
C SER A 134 14.64 -18.22 3.06
N GLY A 135 14.12 -17.64 4.15
CA GLY A 135 14.93 -16.74 4.95
C GLY A 135 15.06 -15.37 4.26
N GLN A 136 14.30 -15.16 3.20
CA GLN A 136 14.37 -13.90 2.43
C GLN A 136 14.00 -12.65 3.23
N LEU A 137 14.78 -11.57 3.12
CA LEU A 137 14.47 -10.30 3.80
C LEU A 137 14.42 -9.21 2.71
N GLU A 138 13.70 -8.12 3.01
CA GLU A 138 13.56 -7.02 2.07
C GLU A 138 14.26 -5.79 2.65
N TRP A 139 14.72 -4.92 1.76
CA TRP A 139 15.47 -3.73 2.11
C TRP A 139 14.64 -2.55 2.59
N GLU A 140 13.98 -2.72 3.74
CA GLU A 140 13.21 -1.61 4.27
C GLU A 140 12.93 -1.80 5.76
N ASP A 141 12.74 -0.67 6.47
CA ASP A 141 12.31 -0.69 7.86
C ASP A 141 10.99 0.08 7.72
N TYR A 142 10.12 0.05 8.72
CA TYR A 142 8.85 0.75 8.59
C TYR A 142 8.29 1.09 9.96
N PHE A 143 7.19 1.84 9.96
CA PHE A 143 6.47 2.19 11.17
C PHE A 143 5.00 1.94 10.83
N PHE A 144 4.34 1.10 11.59
CA PHE A 144 2.97 0.75 11.30
C PHE A 144 2.05 1.06 12.49
N HIS A 145 0.93 1.72 12.23
CA HIS A 145 -0.04 1.98 13.30
C HIS A 145 -1.42 2.24 12.77
N LEU A 146 -2.42 1.91 13.58
CA LEU A 146 -3.80 2.17 13.18
C LEU A 146 -3.96 3.69 13.25
N ALA A 147 -4.57 4.25 12.21
CA ALA A 147 -4.77 5.71 12.14
C ALA A 147 -6.23 6.17 12.27
N TYR A 148 -7.16 5.27 12.01
CA TYR A 148 -8.59 5.63 12.03
C TYR A 148 -9.44 4.35 12.10
N PRO A 149 -10.60 4.39 12.77
CA PRO A 149 -11.21 5.54 13.47
C PRO A 149 -10.45 6.01 14.71
N GLU A 150 -10.68 7.26 15.11
CA GLU A 150 -9.98 7.82 16.25
C GLU A 150 -10.10 7.08 17.57
N GLU A 151 -11.28 6.53 17.87
CA GLU A 151 -11.42 5.84 19.15
C GLU A 151 -10.62 4.55 19.23
N LYS A 152 -10.23 3.98 18.09
CA LYS A 152 -9.47 2.73 18.08
C LYS A 152 -7.94 2.91 18.09
N ARG A 153 -7.47 4.14 17.97
CA ARG A 153 -6.05 4.43 17.99
C ARG A 153 -5.37 4.22 19.34
N ASP A 154 -4.09 3.86 19.32
CA ASP A 154 -3.34 3.79 20.55
C ASP A 154 -2.31 4.90 20.40
N LEU A 155 -2.67 6.11 20.82
CA LEU A 155 -1.76 7.23 20.65
C LEU A 155 -0.39 7.09 21.33
N SER A 156 -0.30 6.24 22.35
CA SER A 156 0.96 6.08 23.07
C SER A 156 2.08 5.54 22.21
N ILE A 157 1.73 4.80 21.16
CA ILE A 157 2.75 4.23 20.27
C ILE A 157 3.15 5.15 19.12
N TRP A 158 2.41 6.25 18.92
CA TRP A 158 2.70 7.18 17.82
C TRP A 158 3.93 8.02 18.12
N PRO A 159 4.73 8.33 17.07
CA PRO A 159 5.93 9.15 17.23
C PRO A 159 5.67 10.43 18.04
N LYS A 160 6.53 10.69 19.03
CA LYS A 160 6.40 11.90 19.84
C LYS A 160 7.32 12.98 19.28
N THR A 161 8.18 12.60 18.35
CA THR A 161 9.06 13.53 17.68
C THR A 161 8.87 13.21 16.19
N PRO A 162 8.50 14.21 15.37
CA PRO A 162 8.27 15.62 15.70
C PRO A 162 6.99 15.87 16.47
N SER A 163 6.97 17.01 17.17
CA SER A 163 5.82 17.34 17.97
C SER A 163 4.46 17.34 17.26
N ASP A 164 4.45 17.53 15.94
CA ASP A 164 3.17 17.59 15.20
C ASP A 164 2.80 16.28 14.48
N TYR A 165 3.50 15.18 14.74
CA TYR A 165 3.19 13.92 14.05
C TYR A 165 1.71 13.51 14.23
N ILE A 166 1.24 13.49 15.46
CA ILE A 166 -0.13 13.09 15.76
C ILE A 166 -1.15 14.02 15.13
N GLU A 167 -0.93 15.32 15.25
CA GLU A 167 -1.86 16.30 14.67
C GLU A 167 -1.96 16.13 13.14
N ALA A 168 -0.80 16.10 12.49
CA ALA A 168 -0.76 15.98 11.03
C ALA A 168 -1.36 14.70 10.51
N THR A 169 -0.91 13.59 11.11
CA THR A 169 -1.34 12.26 10.70
C THR A 169 -2.82 12.04 10.96
N SER A 170 -3.32 12.60 12.07
CA SER A 170 -4.74 12.49 12.38
C SER A 170 -5.61 13.23 11.38
N GLU A 171 -5.18 14.43 10.98
CA GLU A 171 -5.99 15.20 10.04
C GLU A 171 -6.01 14.51 8.68
N TYR A 172 -4.84 14.02 8.28
CA TYR A 172 -4.68 13.35 7.02
C TYR A 172 -5.57 12.11 6.95
N ALA A 173 -5.59 11.33 8.02
CA ALA A 173 -6.43 10.12 8.05
C ALA A 173 -7.90 10.51 7.92
N LYS A 174 -8.32 11.55 8.63
CA LYS A 174 -9.72 11.98 8.51
C LYS A 174 -10.05 12.39 7.07
N CYS A 175 -9.13 13.10 6.41
CA CYS A 175 -9.36 13.51 5.02
C CYS A 175 -9.44 12.30 4.08
N LEU A 176 -8.52 11.34 4.28
CA LEU A 176 -8.53 10.13 3.47
C LEU A 176 -9.82 9.33 3.69
N ARG A 177 -10.34 9.33 4.91
CA ARG A 177 -11.56 8.56 5.17
C ARG A 177 -12.72 9.10 4.33
N LEU A 178 -12.76 10.42 4.11
CA LEU A 178 -13.79 11.06 3.30
C LEU A 178 -13.58 10.76 1.84
N LEU A 179 -12.31 10.70 1.43
CA LEU A 179 -12.00 10.37 0.06
C LEU A 179 -12.33 8.88 -0.22
N ALA A 180 -12.10 8.00 0.76
CA ALA A 180 -12.41 6.58 0.55
C ALA A 180 -13.92 6.44 0.29
N THR A 181 -14.73 7.18 1.04
CA THR A 181 -16.18 7.12 0.83
C THR A 181 -16.58 7.52 -0.60
N LYS A 182 -15.97 8.59 -1.10
CA LYS A 182 -16.22 9.06 -2.45
C LYS A 182 -15.87 7.99 -3.46
N VAL A 183 -14.69 7.38 -3.28
CA VAL A 183 -14.24 6.35 -4.19
C VAL A 183 -15.13 5.10 -4.16
N PHE A 184 -15.46 4.62 -2.96
CA PHE A 184 -16.29 3.43 -2.79
C PHE A 184 -17.61 3.65 -3.50
N LYS A 185 -18.15 4.85 -3.36
CA LYS A 185 -19.42 5.18 -4.02
C LYS A 185 -19.28 5.11 -5.53
N ALA A 186 -18.27 5.76 -6.08
CA ALA A 186 -18.09 5.73 -7.51
C ALA A 186 -17.82 4.30 -8.00
N LEU A 187 -17.09 3.52 -7.23
CA LEU A 187 -16.83 2.14 -7.68
C LEU A 187 -18.07 1.26 -7.61
N SER A 188 -18.95 1.57 -6.66
CA SER A 188 -20.18 0.83 -6.48
C SER A 188 -21.06 1.08 -7.69
N VAL A 189 -21.18 2.36 -8.05
CA VAL A 189 -21.98 2.78 -9.20
C VAL A 189 -21.42 2.14 -10.48
N GLY A 190 -20.09 2.02 -10.55
CA GLY A 190 -19.46 1.41 -11.69
C GLY A 190 -19.85 -0.05 -11.88
N LEU A 191 -20.13 -0.76 -10.79
CA LEU A 191 -20.54 -2.16 -10.89
C LEU A 191 -22.05 -2.30 -11.00
N GLY A 192 -22.76 -1.16 -11.03
CA GLY A 192 -24.21 -1.19 -11.10
C GLY A 192 -24.85 -1.43 -9.75
N LEU A 193 -24.09 -1.23 -8.68
CA LEU A 193 -24.62 -1.45 -7.34
C LEU A 193 -25.10 -0.11 -6.76
N GLU A 194 -25.87 -0.16 -5.68
CA GLU A 194 -26.31 1.10 -5.08
C GLU A 194 -25.04 1.81 -4.60
N PRO A 195 -25.02 3.15 -4.69
CA PRO A 195 -23.83 3.91 -4.27
C PRO A 195 -23.16 3.55 -2.93
N ASP A 196 -23.95 3.21 -1.91
CA ASP A 196 -23.37 2.91 -0.62
C ASP A 196 -22.99 1.45 -0.40
N ARG A 197 -23.19 0.62 -1.41
CA ARG A 197 -22.96 -0.81 -1.28
C ARG A 197 -21.54 -1.27 -0.93
N LEU A 198 -20.55 -0.86 -1.70
CA LEU A 198 -19.22 -1.36 -1.38
C LEU A 198 -18.70 -0.94 0.01
N GLU A 199 -18.87 0.33 0.40
CA GLU A 199 -18.37 0.71 1.71
C GLU A 199 -19.09 -0.03 2.85
N LYS A 200 -20.38 -0.30 2.67
CA LYS A 200 -21.15 -1.05 3.69
C LYS A 200 -20.54 -2.44 3.81
N GLU A 201 -20.24 -3.04 2.66
CA GLU A 201 -19.69 -4.40 2.65
C GLU A 201 -18.31 -4.49 3.30
N VAL A 202 -17.57 -3.38 3.36
CA VAL A 202 -16.25 -3.48 4.02
C VAL A 202 -16.22 -2.90 5.43
N GLY A 203 -17.41 -2.69 5.99
CA GLY A 203 -17.47 -2.22 7.38
C GLY A 203 -18.10 -0.87 7.64
N GLY A 204 -18.19 -0.02 6.63
CA GLY A 204 -18.79 1.30 6.84
C GLY A 204 -17.96 2.20 7.75
N LEU A 205 -18.55 3.31 8.19
CA LEU A 205 -17.84 4.24 9.05
C LEU A 205 -17.37 3.64 10.35
N GLU A 206 -18.16 2.73 10.88
CA GLU A 206 -17.86 2.11 12.15
C GLU A 206 -16.77 1.07 12.21
N GLU A 207 -16.68 0.20 11.20
CA GLU A 207 -15.70 -0.87 11.25
C GLU A 207 -14.53 -0.85 10.28
N LEU A 208 -14.60 -0.04 9.22
CA LEU A 208 -13.49 0.05 8.27
C LEU A 208 -12.32 0.69 9.04
N LEU A 209 -11.14 0.10 8.93
CA LEU A 209 -9.94 0.62 9.62
C LEU A 209 -8.97 1.24 8.63
N LEU A 210 -8.31 2.33 9.01
CA LEU A 210 -7.25 2.89 8.15
C LEU A 210 -5.94 2.64 8.92
N GLN A 211 -5.02 1.91 8.32
CA GLN A 211 -3.74 1.59 8.92
C GLN A 211 -2.67 2.38 8.17
N MET A 212 -1.78 3.04 8.89
CA MET A 212 -0.71 3.79 8.27
C MET A 212 0.57 2.97 8.35
N LYS A 213 1.27 2.87 7.23
CA LYS A 213 2.56 2.20 7.19
C LYS A 213 3.56 3.14 6.51
N ILE A 214 4.55 3.63 7.26
CA ILE A 214 5.57 4.49 6.67
C ILE A 214 6.69 3.53 6.28
N ASN A 215 7.04 3.51 4.99
CA ASN A 215 8.07 2.62 4.47
C ASN A 215 9.35 3.41 4.29
N TYR A 216 10.43 2.96 4.92
CA TYR A 216 11.70 3.65 4.87
C TYR A 216 12.71 2.74 4.15
N TYR A 217 13.27 3.19 3.02
CA TYR A 217 14.17 2.37 2.22
C TYR A 217 15.53 3.01 2.24
N PRO A 218 16.43 2.52 3.08
CA PRO A 218 17.77 3.14 3.12
C PRO A 218 18.47 2.94 1.78
N LYS A 219 19.53 3.72 1.53
CA LYS A 219 20.30 3.50 0.30
C LYS A 219 20.80 2.05 0.42
N CYS A 220 20.99 1.40 -0.72
CA CYS A 220 21.44 0.01 -0.81
C CYS A 220 22.71 -0.06 -1.67
N PRO A 221 23.78 -0.75 -1.18
CA PRO A 221 25.01 -0.83 -1.98
C PRO A 221 24.96 -1.72 -3.22
N GLN A 222 23.99 -2.62 -3.30
CA GLN A 222 23.83 -3.49 -4.46
C GLN A 222 22.33 -3.53 -4.74
N PRO A 223 21.77 -2.39 -5.13
CA PRO A 223 20.33 -2.30 -5.39
C PRO A 223 19.81 -3.24 -6.48
N GLU A 224 20.69 -3.69 -7.37
CA GLU A 224 20.26 -4.59 -8.43
C GLU A 224 20.00 -6.00 -7.89
N LEU A 225 20.44 -6.29 -6.67
CA LEU A 225 20.27 -7.61 -6.08
C LEU A 225 19.14 -7.75 -5.05
N ALA A 226 18.55 -6.63 -4.63
CA ALA A 226 17.51 -6.65 -3.59
C ALA A 226 16.21 -6.01 -4.01
N LEU A 227 15.21 -6.16 -3.13
CA LEU A 227 13.93 -5.49 -3.35
C LEU A 227 13.60 -4.77 -2.04
N GLY A 228 13.06 -3.56 -2.14
CA GLY A 228 12.61 -2.83 -0.96
C GLY A 228 11.36 -3.51 -0.40
N VAL A 229 10.46 -3.92 -1.29
CA VAL A 229 9.28 -4.71 -0.86
C VAL A 229 9.09 -5.75 -1.97
N GLU A 230 8.84 -6.98 -1.55
CA GLU A 230 8.68 -8.08 -2.50
C GLU A 230 7.42 -7.95 -3.35
N ALA A 231 7.37 -8.72 -4.44
CA ALA A 231 6.18 -8.74 -5.30
C ALA A 231 4.99 -9.24 -4.48
N HIS A 232 3.90 -8.50 -4.52
CA HIS A 232 2.72 -8.85 -3.72
C HIS A 232 1.51 -8.10 -4.19
N THR A 233 0.34 -8.50 -3.69
CA THR A 233 -0.86 -7.69 -3.94
C THR A 233 -1.33 -7.21 -2.54
N ASP A 234 -1.94 -6.02 -2.47
CA ASP A 234 -2.43 -5.48 -1.20
C ASP A 234 -3.70 -6.21 -0.77
N VAL A 235 -3.82 -6.56 0.51
CA VAL A 235 -5.03 -7.24 0.97
C VAL A 235 -6.18 -6.33 1.34
N SER A 236 -5.91 -5.03 1.38
CA SER A 236 -6.91 -4.03 1.75
C SER A 236 -8.07 -3.94 0.74
N ALA A 237 -9.00 -3.04 1.03
CA ALA A 237 -10.12 -2.72 0.11
C ALA A 237 -9.49 -1.69 -0.86
N LEU A 238 -8.87 -0.65 -0.29
CA LEU A 238 -8.17 0.37 -1.06
C LEU A 238 -6.90 0.71 -0.32
N THR A 239 -5.90 1.22 -1.04
CA THR A 239 -4.66 1.70 -0.45
C THR A 239 -4.34 3.04 -1.10
N PHE A 240 -3.99 4.05 -0.29
CA PHE A 240 -3.65 5.38 -0.77
C PHE A 240 -2.22 5.61 -0.30
N ILE A 241 -1.34 5.95 -1.24
CA ILE A 241 0.07 6.11 -0.91
C ILE A 241 0.67 7.42 -1.37
N LEU A 242 1.49 8.01 -0.51
CA LEU A 242 2.25 9.25 -0.81
C LEU A 242 3.71 8.79 -0.92
N HIS A 243 4.53 9.48 -1.74
CA HIS A 243 5.95 9.12 -1.90
C HIS A 243 6.78 10.40 -1.77
N ASN A 244 8.08 10.26 -1.51
CA ASN A 244 8.93 11.45 -1.42
C ASN A 244 9.63 11.72 -2.74
N MET A 245 8.98 11.39 -3.84
CA MET A 245 9.56 11.67 -5.16
C MET A 245 10.83 10.92 -5.56
N VAL A 246 11.14 9.82 -4.89
CA VAL A 246 12.29 9.00 -5.27
C VAL A 246 11.53 7.83 -5.90
N PRO A 247 11.87 7.44 -7.14
CA PRO A 247 11.16 6.34 -7.76
C PRO A 247 11.43 5.01 -7.09
N GLY A 248 10.51 4.07 -7.26
CA GLY A 248 10.70 2.76 -6.68
C GLY A 248 9.54 1.81 -6.92
N LEU A 249 8.33 2.34 -6.95
CA LEU A 249 7.16 1.50 -7.17
C LEU A 249 7.13 0.95 -8.61
N GLN A 250 6.93 -0.36 -8.75
CA GLN A 250 6.79 -0.99 -10.05
C GLN A 250 5.52 -1.82 -10.00
N LEU A 251 4.88 -1.95 -11.15
CA LEU A 251 3.60 -2.67 -11.30
C LEU A 251 3.76 -3.81 -12.31
N PHE A 252 3.19 -4.97 -12.04
CA PHE A 252 3.33 -6.08 -12.97
C PHE A 252 2.06 -6.02 -13.83
N TYR A 253 2.22 -5.42 -15.02
CA TYR A 253 1.12 -5.24 -15.93
C TYR A 253 1.40 -5.96 -17.25
N GLU A 254 0.43 -6.74 -17.71
CA GLU A 254 0.58 -7.55 -18.92
C GLU A 254 1.89 -8.32 -18.96
N GLY A 255 2.23 -8.95 -17.84
CA GLY A 255 3.44 -9.75 -17.78
C GLY A 255 4.78 -9.05 -17.76
N LYS A 256 4.78 -7.73 -17.55
CA LYS A 256 6.02 -6.98 -17.52
C LYS A 256 6.03 -5.99 -16.35
N TRP A 257 7.20 -5.70 -15.80
CA TRP A 257 7.30 -4.75 -14.68
C TRP A 257 7.40 -3.33 -15.20
N VAL A 258 6.38 -2.55 -14.87
CA VAL A 258 6.28 -1.16 -15.28
C VAL A 258 6.69 -0.27 -14.13
N THR A 259 7.41 0.81 -14.40
CA THR A 259 7.83 1.68 -13.30
C THR A 259 6.91 2.91 -13.21
N ALA A 260 6.44 3.19 -12.00
CA ALA A 260 5.57 4.35 -11.81
C ALA A 260 6.39 5.64 -11.84
N LYS A 261 5.88 6.64 -12.55
CA LYS A 261 6.53 7.94 -12.64
C LYS A 261 6.00 8.81 -11.51
N CYS A 262 6.78 9.80 -11.07
CA CYS A 262 6.39 10.67 -9.94
C CYS A 262 5.54 11.89 -10.33
N VAL A 263 4.21 11.73 -10.31
CA VAL A 263 3.21 12.76 -10.67
C VAL A 263 2.88 13.72 -9.50
N PRO A 264 3.42 14.95 -9.55
CA PRO A 264 3.21 15.96 -8.51
C PRO A 264 1.81 16.18 -7.94
N ASP A 265 1.74 16.22 -6.61
CA ASP A 265 0.51 16.44 -5.85
C ASP A 265 -0.48 15.26 -5.89
N SER A 266 -0.12 14.19 -6.58
CA SER A 266 -1.02 13.03 -6.69
C SER A 266 -0.95 12.08 -5.51
N ILE A 267 -1.86 11.12 -5.52
CA ILE A 267 -1.91 10.10 -4.49
C ILE A 267 -2.10 8.81 -5.27
N VAL A 268 -1.22 7.86 -5.05
CA VAL A 268 -1.38 6.59 -5.75
C VAL A 268 -2.49 5.85 -5.06
N MET A 269 -3.39 5.23 -5.83
CA MET A 269 -4.44 4.45 -5.21
C MET A 269 -4.44 3.07 -5.83
N HIS A 270 -4.51 2.08 -4.96
CA HIS A 270 -4.59 0.68 -5.37
C HIS A 270 -5.94 0.14 -4.98
N ILE A 271 -6.49 -0.67 -5.87
CA ILE A 271 -7.69 -1.46 -5.59
C ILE A 271 -6.97 -2.63 -4.87
N GLY A 272 -7.49 -3.09 -3.74
CA GLY A 272 -6.87 -4.19 -3.01
C GLY A 272 -7.64 -5.49 -3.16
N ASP A 273 -7.09 -6.57 -2.58
CA ASP A 273 -7.72 -7.90 -2.70
C ASP A 273 -9.16 -7.91 -2.23
N THR A 274 -9.47 -7.12 -1.20
CA THR A 274 -10.82 -7.12 -0.64
C THR A 274 -11.84 -6.68 -1.67
N LEU A 275 -11.51 -5.67 -2.47
CA LEU A 275 -12.46 -5.24 -3.51
C LEU A 275 -12.41 -6.16 -4.69
N GLU A 276 -11.25 -6.74 -4.98
CA GLU A 276 -11.18 -7.66 -6.09
C GLU A 276 -12.09 -8.87 -5.78
N ILE A 277 -12.03 -9.35 -4.54
CA ILE A 277 -12.84 -10.50 -4.15
C ILE A 277 -14.33 -10.14 -4.21
N LEU A 278 -14.72 -9.01 -3.61
CA LEU A 278 -16.13 -8.61 -3.63
C LEU A 278 -16.68 -8.41 -5.03
N SER A 279 -15.84 -7.91 -5.94
CA SER A 279 -16.30 -7.68 -7.30
C SER A 279 -16.08 -8.90 -8.21
N ASN A 280 -15.78 -10.05 -7.62
CA ASN A 280 -15.54 -11.30 -8.36
C ASN A 280 -14.51 -11.17 -9.48
N GLY A 281 -13.42 -10.47 -9.17
CA GLY A 281 -12.36 -10.31 -10.15
C GLY A 281 -12.48 -9.13 -11.08
N LYS A 282 -13.59 -8.39 -11.05
CA LYS A 282 -13.75 -7.25 -11.96
C LYS A 282 -12.72 -6.14 -11.72
N TYR A 283 -12.70 -5.58 -10.51
CA TYR A 283 -11.70 -4.57 -10.13
C TYR A 283 -10.46 -5.38 -9.75
N LYS A 284 -9.32 -4.94 -10.25
CA LYS A 284 -8.06 -5.66 -10.08
C LYS A 284 -7.12 -5.28 -8.97
N SER A 285 -6.62 -6.27 -8.25
CA SER A 285 -5.59 -6.02 -7.20
C SER A 285 -4.28 -6.43 -7.90
N ILE A 286 -3.52 -5.42 -8.31
CA ILE A 286 -2.34 -5.64 -9.10
C ILE A 286 -1.14 -6.04 -8.27
N LEU A 287 -0.30 -6.92 -8.84
CA LEU A 287 0.95 -7.34 -8.22
C LEU A 287 1.91 -6.13 -8.38
N HIS A 288 2.66 -5.80 -7.34
CA HIS A 288 3.56 -4.69 -7.42
C HIS A 288 4.72 -4.94 -6.46
N ARG A 289 5.77 -4.14 -6.57
CA ARG A 289 6.94 -4.32 -5.74
C ARG A 289 7.63 -2.96 -5.65
N GLY A 290 8.72 -2.91 -4.89
CA GLY A 290 9.45 -1.66 -4.76
C GLY A 290 10.94 -1.89 -4.84
N LEU A 291 11.59 -1.08 -5.68
CA LEU A 291 13.03 -1.10 -5.88
C LEU A 291 13.75 -0.13 -4.93
N VAL A 292 14.99 -0.45 -4.61
CA VAL A 292 15.81 0.43 -3.77
C VAL A 292 16.90 0.94 -4.69
N ASN A 293 17.78 1.80 -4.19
CA ASN A 293 18.82 2.38 -5.04
C ASN A 293 19.97 2.81 -4.13
N LYS A 294 21.12 3.12 -4.72
CA LYS A 294 22.27 3.47 -3.91
C LYS A 294 22.47 4.97 -3.74
N GLU A 295 21.64 5.77 -4.40
CA GLU A 295 21.78 7.23 -4.34
C GLU A 295 20.89 8.02 -3.39
N LYS A 296 19.66 7.56 -3.18
CA LYS A 296 18.73 8.30 -2.36
C LYS A 296 17.82 7.44 -1.49
N VAL A 297 17.59 7.89 -0.27
CA VAL A 297 16.70 7.16 0.63
C VAL A 297 15.30 7.39 0.06
N ARG A 298 14.52 6.31 -0.06
CA ARG A 298 13.14 6.46 -0.55
C ARG A 298 12.22 6.26 0.66
N ILE A 299 11.10 7.00 0.70
CA ILE A 299 10.11 6.88 1.79
C ILE A 299 8.73 6.98 1.18
N SER A 300 7.81 6.13 1.65
CA SER A 300 6.44 6.15 1.19
C SER A 300 5.52 6.04 2.42
N TRP A 301 4.28 6.48 2.25
CA TRP A 301 3.30 6.49 3.34
C TRP A 301 2.10 5.82 2.79
N ALA A 302 1.85 4.59 3.21
CA ALA A 302 0.72 3.86 2.68
C ALA A 302 -0.40 3.77 3.71
N VAL A 303 -1.61 4.17 3.32
CA VAL A 303 -2.76 4.02 4.22
C VAL A 303 -3.67 2.94 3.66
N PHE A 304 -3.78 1.84 4.41
CA PHE A 304 -4.60 0.70 3.99
C PHE A 304 -5.97 0.77 4.62
N CYS A 305 -7.02 0.71 3.80
CA CYS A 305 -8.40 0.75 4.29
C CYS A 305 -8.83 -0.69 4.36
N GLU A 306 -8.97 -1.20 5.59
CA GLU A 306 -9.28 -2.59 5.82
C GLU A 306 -10.62 -2.90 6.42
N PRO A 307 -11.19 -4.04 6.03
CA PRO A 307 -12.47 -4.42 6.60
C PRO A 307 -12.09 -4.99 8.00
N PRO A 308 -13.08 -5.18 8.89
CA PRO A 308 -12.82 -5.73 10.23
C PRO A 308 -12.21 -7.12 9.98
N LYS A 309 -11.14 -7.46 10.68
CA LYS A 309 -10.45 -8.71 10.41
C LYS A 309 -11.18 -10.04 10.59
N ASP A 310 -12.17 -10.07 11.47
CA ASP A 310 -12.87 -11.33 11.73
C ASP A 310 -14.38 -11.28 11.50
N LYS A 311 -14.96 -10.08 11.67
CA LYS A 311 -16.42 -9.88 11.58
C LYS A 311 -17.10 -9.95 10.22
N ILE A 312 -16.33 -9.93 9.14
CA ILE A 312 -16.93 -9.97 7.82
C ILE A 312 -16.31 -11.09 7.01
N VAL A 313 -17.18 -11.91 6.41
CA VAL A 313 -16.70 -12.98 5.58
C VAL A 313 -16.73 -12.40 4.18
N LEU A 314 -15.54 -12.28 3.59
CA LEU A 314 -15.35 -11.74 2.25
C LEU A 314 -15.53 -12.78 1.14
N LYS A 315 -16.38 -12.47 0.19
CA LYS A 315 -16.61 -13.39 -0.90
C LYS A 315 -17.27 -12.57 -2.00
N PRO A 316 -17.24 -13.10 -3.22
CA PRO A 316 -17.88 -12.34 -4.31
C PRO A 316 -19.34 -12.04 -3.95
N LEU A 317 -19.76 -10.80 -4.20
CA LEU A 317 -21.14 -10.38 -3.92
C LEU A 317 -22.07 -11.19 -4.82
N PRO A 318 -23.29 -11.52 -4.33
CA PRO A 318 -24.24 -12.31 -5.14
C PRO A 318 -24.46 -11.72 -6.54
N GLU A 319 -24.60 -10.40 -6.58
CA GLU A 319 -24.81 -9.68 -7.83
C GLU A 319 -23.72 -9.88 -8.87
N MET A 320 -22.51 -10.22 -8.39
CA MET A 320 -21.37 -10.43 -9.29
C MET A 320 -21.17 -11.90 -9.67
N VAL A 321 -22.03 -12.79 -9.18
CA VAL A 321 -21.91 -14.23 -9.45
C VAL A 321 -23.16 -14.79 -10.13
N SER A 322 -22.94 -15.70 -11.07
CA SER A 322 -24.06 -16.31 -11.81
C SER A 322 -23.58 -17.62 -12.42
N VAL A 323 -24.49 -18.32 -13.08
CA VAL A 323 -24.13 -19.60 -13.69
C VAL A 323 -23.00 -19.38 -14.68
N GLU A 324 -23.15 -18.32 -15.47
CA GLU A 324 -22.19 -17.96 -16.49
C GLU A 324 -20.96 -17.24 -15.97
N SER A 325 -21.03 -16.73 -14.74
CA SER A 325 -19.92 -16.01 -14.10
C SER A 325 -19.67 -16.62 -12.73
N PRO A 326 -19.11 -17.83 -12.67
CA PRO A 326 -18.88 -18.42 -11.36
C PRO A 326 -17.96 -17.62 -10.46
N ALA A 327 -18.12 -17.85 -9.16
CA ALA A 327 -17.31 -17.20 -8.15
C ALA A 327 -15.85 -17.56 -8.37
N LYS A 328 -14.98 -16.55 -8.43
CA LYS A 328 -13.54 -16.79 -8.64
C LYS A 328 -12.76 -16.93 -7.33
N PHE A 329 -13.45 -16.75 -6.21
CA PHE A 329 -12.83 -16.84 -4.89
C PHE A 329 -13.78 -17.51 -3.88
N PRO A 330 -13.22 -18.31 -2.95
CA PRO A 330 -14.03 -18.97 -1.92
C PRO A 330 -14.18 -17.97 -0.79
N PRO A 331 -15.13 -18.20 0.12
CA PRO A 331 -15.28 -17.22 1.21
C PRO A 331 -14.25 -17.30 2.31
N ARG A 332 -13.73 -16.13 2.73
CA ARG A 332 -12.74 -16.02 3.81
C ARG A 332 -12.87 -14.70 4.55
N THR A 333 -12.57 -14.68 5.86
CA THR A 333 -12.56 -13.38 6.55
C THR A 333 -11.22 -12.75 6.10
N PHE A 334 -11.05 -11.47 6.39
CA PHE A 334 -9.82 -10.76 6.04
C PHE A 334 -8.61 -11.49 6.69
N ALA A 335 -8.72 -11.87 7.96
CA ALA A 335 -7.62 -12.60 8.63
C ALA A 335 -7.29 -13.91 7.95
N GLN A 336 -8.32 -14.65 7.55
CA GLN A 336 -8.16 -15.95 6.91
C GLN A 336 -7.51 -15.80 5.56
N HIS A 337 -7.84 -14.71 4.88
CA HIS A 337 -7.27 -14.44 3.56
C HIS A 337 -5.76 -14.17 3.68
N ILE A 338 -5.40 -13.34 4.64
CA ILE A 338 -3.98 -13.04 4.89
C ILE A 338 -3.29 -14.36 5.21
N GLU A 339 -3.85 -15.14 6.14
CA GLU A 339 -3.23 -16.42 6.47
C GLU A 339 -3.06 -17.35 5.25
N HIS A 340 -4.05 -17.40 4.37
CA HIS A 340 -3.96 -18.26 3.20
C HIS A 340 -2.83 -17.82 2.26
N LYS A 341 -2.67 -16.52 2.09
CA LYS A 341 -1.59 -16.02 1.23
C LYS A 341 -0.23 -16.35 1.88
N LEU A 342 -0.13 -16.19 3.20
CA LEU A 342 1.12 -16.49 3.92
C LEU A 342 1.39 -17.99 3.93
N PHE A 343 0.33 -18.79 4.03
CA PHE A 343 0.43 -20.25 4.02
C PHE A 343 0.89 -20.75 2.64
N GLY A 344 0.25 -20.26 1.59
CA GLY A 344 0.65 -20.67 0.26
C GLY A 344 2.13 -20.38 0.03
N LYS A 345 2.60 -19.22 0.48
CA LYS A 345 4.03 -18.87 0.32
C LYS A 345 4.93 -19.81 1.14
N GLU A 346 4.56 -20.05 2.41
CA GLU A 346 5.32 -20.93 3.28
C GLU A 346 5.46 -22.33 2.67
N GLN A 347 4.35 -22.87 2.14
CA GLN A 347 4.39 -24.20 1.54
C GLN A 347 5.32 -24.20 0.33
N GLU A 348 5.23 -23.13 -0.43
CA GLU A 348 6.02 -22.91 -1.65
C GLU A 348 7.52 -22.93 -1.36
N GLU A 349 7.93 -22.24 -0.30
CA GLU A 349 9.33 -22.17 0.08
C GLU A 349 9.81 -23.44 0.81
N LEU A 350 8.89 -24.11 1.48
CA LEU A 350 9.22 -25.35 2.20
C LEU A 350 9.75 -26.37 1.20
N VAL A 351 9.05 -26.63 0.19
#